data_3EN6
#
_entry.id   3EN6
#
_cell.length_a   42.439
_cell.length_b   63.046
_cell.length_c   74.579
_cell.angle_alpha   101.31
_cell.angle_beta   91.17
_cell.angle_gamma   89.62
#
_symmetry.space_group_name_H-M   'P 1'
#
loop_
_entity.id
_entity.type
_entity.pdbx_description
1 polymer 'Proto-oncogene tyrosine-protein kinase Src'
2 non-polymer 1-(1-methylethyl)-3-quinolin-6-yl-1H-pyrazolo[3,4-d]pyrimidin-4-amine
3 water water
#
_entity_poly.entity_id   1
_entity_poly.type   'polypeptide(L)'
_entity_poly.pdbx_seq_one_letter_code
;GHMQTQGLAKDAWEIPRESLRLEVKLGQGCFGEVWMGTWNGTTRVAIKTLKPGTMSPEAFLQEAQVMKKLRHEKLVQLYA
VVSEEPIYIVTEYMSKGSLLDFLKGEMGKYLRLPQLVDMAAQIASGMAYVERMNYVHRDLRAANILVGENLVCKVADFGL
ARLIEDNEYTARQGAKFPIKWTAPEAALYGRFTIKSDVWSFGILLTELTTKGRVPYPGMVNREVLDQVERGYRMPCPPEC
PESLHDLMCQCWRKDPEERPTFEYLQAFLEDYFTSTEPQYQPGENL
;
_entity_poly.pdbx_strand_id   A,B
#
loop_
_chem_comp.id
_chem_comp.type
_chem_comp.name
_chem_comp.formula
KS5 non-polymer 1-(1-methylethyl)-3-quinolin-6-yl-1H-pyrazolo[3,4-d]pyrimidin-4-amine 'C17 H16 N6'
#
# COMPACT_ATOMS: atom_id res chain seq x y z
N TRP A 13 11.94 21.10 -29.96
CA TRP A 13 12.44 19.70 -29.87
C TRP A 13 13.53 19.39 -30.87
N GLU A 14 13.62 20.18 -31.93
CA GLU A 14 14.57 19.91 -33.01
C GLU A 14 15.96 20.36 -32.60
N ILE A 15 16.96 19.56 -32.98
CA ILE A 15 18.35 19.85 -32.67
C ILE A 15 19.22 19.58 -33.93
N PRO A 16 20.40 20.21 -34.01
CA PRO A 16 21.21 19.93 -35.19
C PRO A 16 21.90 18.59 -35.13
N ARG A 17 22.14 18.01 -36.29
CA ARG A 17 22.83 16.73 -36.40
C ARG A 17 24.20 16.71 -35.74
N GLU A 18 24.89 17.84 -35.76
CA GLU A 18 26.25 17.92 -35.19
C GLU A 18 26.30 18.07 -33.66
N SER A 19 25.15 18.21 -33.02
CA SER A 19 25.12 18.31 -31.57
C SER A 19 25.15 16.93 -30.87
N LEU A 20 25.07 15.87 -31.66
CA LEU A 20 24.99 14.50 -31.14
C LEU A 20 26.22 13.71 -31.49
N ARG A 21 26.96 13.26 -30.49
CA ARG A 21 28.06 12.33 -30.74
C ARG A 21 27.64 10.90 -30.34
N LEU A 22 27.62 9.99 -31.30
CA LEU A 22 27.24 8.59 -31.09
C LEU A 22 28.45 7.79 -30.63
N GLU A 23 28.45 7.34 -29.39
CA GLU A 23 29.69 6.80 -28.83
C GLU A 23 29.83 5.27 -28.79
N VAL A 24 28.86 4.58 -28.19
CA VAL A 24 28.87 3.13 -28.03
C VAL A 24 27.56 2.56 -28.55
N LYS A 25 27.62 1.52 -29.36
CA LYS A 25 26.40 0.86 -29.81
C LYS A 25 25.82 -0.02 -28.69
N LEU A 26 24.51 0.10 -28.47
CA LEU A 26 23.81 -0.63 -27.41
C LEU A 26 22.82 -1.68 -27.95
N GLY A 27 22.41 -1.55 -29.21
CA GLY A 27 21.51 -2.53 -29.81
C GLY A 27 21.06 -2.23 -31.23
N GLN A 28 20.50 -3.25 -31.88
CA GLN A 28 19.76 -3.11 -33.14
C GLN A 28 18.32 -3.58 -32.93
N GLY A 32 16.31 -0.22 -37.02
CA GLY A 32 17.17 0.83 -36.49
C GLY A 32 18.16 0.36 -35.43
N GLU A 33 18.77 1.30 -34.70
CA GLU A 33 19.82 1.00 -33.71
C GLU A 33 19.70 1.88 -32.46
N VAL A 34 20.27 1.43 -31.34
CA VAL A 34 20.28 2.20 -30.10
C VAL A 34 21.72 2.46 -29.65
N TRP A 35 22.10 3.73 -29.46
CA TRP A 35 23.46 4.12 -29.04
C TRP A 35 23.48 4.87 -27.73
N MET A 36 24.64 4.86 -27.09
CA MET A 36 24.91 5.80 -26.02
C MET A 36 25.74 6.91 -26.63
N GLY A 37 25.40 8.16 -26.32
CA GLY A 37 26.08 9.26 -26.95
C GLY A 37 26.18 10.50 -26.09
N THR A 38 26.53 11.59 -26.74
CA THR A 38 26.66 12.88 -26.08
C THR A 38 25.77 13.89 -26.80
N TRP A 39 25.17 14.79 -26.03
CA TRP A 39 24.35 15.86 -26.56
C TRP A 39 24.98 17.16 -26.11
N ASN A 40 25.26 18.04 -27.08
CA ASN A 40 25.91 19.34 -26.86
C ASN A 40 27.21 19.26 -26.05
N GLY A 41 28.02 18.22 -26.27
CA GLY A 41 29.25 18.00 -25.49
C GLY A 41 29.13 18.22 -23.98
N THR A 42 28.00 17.80 -23.40
CA THR A 42 27.73 18.01 -21.98
C THR A 42 26.94 16.85 -21.40
N THR A 43 26.01 16.34 -22.20
CA THR A 43 24.93 15.50 -21.68
C THR A 43 24.95 14.06 -22.24
N ARG A 44 25.03 13.07 -21.36
CA ARG A 44 24.92 11.68 -21.80
C ARG A 44 23.49 11.49 -22.21
N VAL A 45 23.27 10.74 -23.29
CA VAL A 45 21.93 10.51 -23.79
C VAL A 45 21.91 9.18 -24.48
N ALA A 46 20.71 8.65 -24.64
CA ALA A 46 20.49 7.50 -25.49
C ALA A 46 19.96 7.96 -26.86
N ILE A 47 20.37 7.24 -27.90
CA ILE A 47 20.07 7.65 -29.27
C ILE A 47 19.51 6.48 -30.10
N LYS A 48 18.28 6.60 -30.57
CA LYS A 48 17.72 5.59 -31.50
C LYS A 48 17.80 6.13 -32.94
N THR A 49 18.21 5.27 -33.88
CA THR A 49 18.41 5.66 -35.30
C THR A 49 17.35 5.13 -36.30
N LEU A 50 17.41 5.63 -37.54
CA LEU A 50 16.46 5.29 -38.64
C LEU A 50 16.32 3.80 -38.95
N GLN A 65 5.51 11.59 -31.16
CA GLN A 65 4.41 12.51 -30.86
C GLN A 65 3.79 12.21 -29.48
N VAL A 66 3.98 10.99 -28.99
CA VAL A 66 3.44 10.61 -27.70
C VAL A 66 4.39 11.12 -26.62
N MET A 67 5.67 10.85 -26.80
CA MET A 67 6.68 11.19 -25.81
C MET A 67 6.81 12.70 -25.58
N LYS A 68 6.33 13.50 -26.54
CA LYS A 68 6.30 14.95 -26.38
C LYS A 68 5.18 15.40 -25.42
N LYS A 69 4.06 14.68 -25.41
CA LYS A 69 2.93 15.01 -24.54
C LYS A 69 3.12 14.45 -23.12
N LEU A 70 3.50 13.19 -23.01
CA LEU A 70 3.62 12.52 -21.71
C LEU A 70 4.93 12.90 -20.99
N ARG A 71 4.81 13.37 -19.75
CA ARG A 71 5.97 13.78 -18.97
C ARG A 71 5.81 13.35 -17.51
N HIS A 72 6.77 12.58 -17.02
CA HIS A 72 6.66 12.00 -15.68
C HIS A 72 7.98 11.38 -15.21
N GLU A 73 8.28 11.45 -13.92
CA GLU A 73 9.58 11.05 -13.38
C GLU A 73 9.91 9.57 -13.61
N LYS A 74 8.88 8.74 -13.74
CA LYS A 74 9.08 7.33 -13.99
C LYS A 74 8.81 6.88 -15.44
N LEU A 75 8.73 7.84 -16.38
CA LEU A 75 8.65 7.56 -17.82
C LEU A 75 9.93 8.03 -18.44
N VAL A 76 10.56 7.26 -19.34
CA VAL A 76 11.81 7.73 -19.95
C VAL A 76 11.54 9.02 -20.75
N GLN A 77 12.34 10.04 -20.49
CA GLN A 77 12.11 11.37 -21.03
C GLN A 77 12.72 11.56 -22.43
N LEU A 78 11.90 12.03 -23.37
CA LEU A 78 12.38 12.51 -24.67
C LEU A 78 13.11 13.82 -24.49
N TYR A 79 14.33 13.89 -25.03
CA TYR A 79 15.07 15.16 -25.03
C TYR A 79 14.94 15.93 -26.32
N ALA A 80 15.10 15.24 -27.45
CA ALA A 80 15.24 15.91 -28.71
C ALA A 80 14.95 14.97 -29.85
N VAL A 81 14.80 15.56 -31.03
CA VAL A 81 14.53 14.83 -32.24
C VAL A 81 15.32 15.44 -33.41
N VAL A 82 15.74 14.57 -34.34
CA VAL A 82 16.16 14.94 -35.68
C VAL A 82 15.07 14.32 -36.58
N SER A 83 14.17 15.15 -37.09
CA SER A 83 12.92 14.67 -37.67
C SER A 83 12.84 14.67 -39.20
N GLU A 84 13.98 14.48 -39.87
CA GLU A 84 14.01 14.22 -41.32
C GLU A 84 14.99 13.07 -41.60
N GLU A 85 14.57 12.05 -42.37
CA GLU A 85 15.37 10.84 -42.59
C GLU A 85 16.79 11.26 -42.93
N PRO A 86 17.81 10.58 -42.38
CA PRO A 86 17.81 9.54 -41.35
C PRO A 86 17.49 10.14 -39.99
N ILE A 87 16.43 9.65 -39.38
CA ILE A 87 15.84 10.26 -38.21
C ILE A 87 16.54 9.80 -36.92
N TYR A 88 16.53 10.65 -35.89
CA TYR A 88 17.20 10.38 -34.62
C TYR A 88 16.28 10.77 -33.46
N ILE A 89 16.09 9.87 -32.51
CA ILE A 89 15.32 10.19 -31.32
C ILE A 89 16.29 10.18 -30.15
N VAL A 90 16.20 11.19 -29.30
CA VAL A 90 17.15 11.33 -28.20
C VAL A 90 16.40 11.38 -26.87
N THR A 91 16.83 10.54 -25.94
CA THR A 91 16.21 10.45 -24.61
C THR A 91 17.27 10.46 -23.51
N GLU A 92 16.82 10.59 -22.27
CA GLU A 92 17.68 10.38 -21.10
C GLU A 92 18.29 9.01 -21.17
N TYR A 93 19.56 8.91 -20.77
CA TYR A 93 20.28 7.66 -20.75
C TYR A 93 20.03 6.97 -19.43
N MET A 94 19.65 5.70 -19.50
CA MET A 94 19.42 4.89 -18.31
C MET A 94 20.57 3.94 -18.17
N SER A 95 21.47 4.24 -17.22
CA SER A 95 22.77 3.58 -17.13
C SER A 95 22.74 2.04 -16.99
N LYS A 96 21.68 1.46 -16.45
CA LYS A 96 21.66 -0.02 -16.28
C LYS A 96 20.93 -0.85 -17.37
N GLY A 97 20.56 -0.27 -18.50
CA GLY A 97 19.78 -1.00 -19.50
C GLY A 97 18.47 -1.50 -18.92
N SER A 98 17.88 -2.51 -19.55
CA SER A 98 16.61 -3.03 -19.13
C SER A 98 16.68 -3.69 -17.78
N LEU A 99 15.52 -3.72 -17.12
CA LEU A 99 15.31 -4.36 -15.87
C LEU A 99 15.54 -5.86 -15.96
N LEU A 100 15.15 -6.47 -17.09
CA LEU A 100 15.47 -7.85 -17.37
C LEU A 100 17.00 -8.06 -17.29
N ASP A 101 17.78 -7.28 -18.04
CA ASP A 101 19.27 -7.41 -17.93
C ASP A 101 19.77 -7.18 -16.50
N PHE A 102 19.16 -6.23 -15.80
CA PHE A 102 19.61 -5.88 -14.47
C PHE A 102 19.39 -7.03 -13.50
N LEU A 103 18.15 -7.53 -13.46
CA LEU A 103 17.79 -8.63 -12.59
C LEU A 103 18.62 -9.91 -12.81
N LYS A 104 19.00 -10.16 -14.08
CA LYS A 104 19.77 -11.34 -14.51
C LYS A 104 21.28 -11.14 -14.40
N GLY A 105 21.75 -9.91 -14.16
CA GLY A 105 23.20 -9.68 -14.00
C GLY A 105 23.71 -9.85 -12.58
N GLU A 106 24.92 -9.36 -12.33
CA GLU A 106 25.57 -9.43 -11.04
C GLU A 106 24.74 -8.87 -9.87
N MET A 107 23.83 -7.97 -10.15
CA MET A 107 23.08 -7.35 -9.07
C MET A 107 21.97 -8.22 -8.53
N GLY A 108 21.46 -9.10 -9.38
CA GLY A 108 20.36 -9.96 -8.96
C GLY A 108 20.56 -10.64 -7.62
N LYS A 109 21.75 -11.14 -7.38
CA LYS A 109 21.98 -11.91 -6.16
C LYS A 109 21.87 -11.05 -4.90
N TYR A 110 21.96 -9.73 -5.09
CA TYR A 110 21.94 -8.80 -3.98
C TYR A 110 20.58 -8.17 -3.75
N LEU A 111 19.72 -8.17 -4.77
CA LEU A 111 18.41 -7.59 -4.56
C LEU A 111 17.64 -8.45 -3.56
N ARG A 112 16.90 -7.77 -2.70
CA ARG A 112 15.93 -8.43 -1.84
C ARG A 112 14.56 -7.79 -2.04
N LEU A 113 13.58 -8.40 -1.42
CA LEU A 113 12.22 -7.90 -1.50
C LEU A 113 12.05 -6.36 -1.35
N PRO A 114 12.70 -5.70 -0.36
CA PRO A 114 12.49 -4.25 -0.31
C PRO A 114 12.95 -3.52 -1.56
N GLN A 115 14.13 -3.88 -2.08
CA GLN A 115 14.54 -3.36 -3.40
C GLN A 115 13.54 -3.72 -4.53
N LEU A 116 13.11 -4.97 -4.66
CA LEU A 116 12.18 -5.35 -5.73
C LEU A 116 10.80 -4.69 -5.54
N VAL A 117 10.30 -4.57 -4.30
CA VAL A 117 9.00 -3.93 -4.10
C VAL A 117 9.04 -2.42 -4.42
N ASP A 118 10.15 -1.79 -4.09
CA ASP A 118 10.34 -0.37 -4.36
C ASP A 118 10.38 -0.11 -5.88
N MET A 119 11.15 -0.91 -6.62
CA MET A 119 11.06 -0.92 -8.11
C MET A 119 9.67 -1.17 -8.70
N ALA A 120 8.96 -2.17 -8.19
CA ALA A 120 7.58 -2.44 -8.62
C ALA A 120 6.70 -1.20 -8.43
N ALA A 121 6.93 -0.49 -7.31
CA ALA A 121 6.16 0.71 -6.91
C ALA A 121 6.42 1.93 -7.84
N GLN A 122 7.68 2.17 -8.20
CA GLN A 122 8.04 3.10 -9.29
C GLN A 122 7.38 2.80 -10.63
N ILE A 123 7.41 1.53 -11.04
CA ILE A 123 6.76 1.14 -12.29
C ILE A 123 5.27 1.40 -12.18
N ALA A 124 4.63 0.95 -11.09
CA ALA A 124 3.19 1.24 -10.91
C ALA A 124 2.93 2.74 -11.02
N SER A 125 3.86 3.51 -10.46
CA SER A 125 3.76 4.95 -10.46
C SER A 125 3.77 5.54 -11.91
N GLY A 126 4.73 5.13 -12.71
CA GLY A 126 4.73 5.47 -14.12
C GLY A 126 3.45 5.01 -14.79
N MET A 127 3.01 3.79 -14.47
CA MET A 127 1.78 3.27 -15.05
C MET A 127 0.52 4.02 -14.51
N ALA A 128 0.60 4.56 -13.28
CA ALA A 128 -0.53 5.32 -12.74
C ALA A 128 -0.71 6.56 -13.58
N TYR A 129 0.42 7.12 -14.02
CA TYR A 129 0.36 8.28 -14.90
C TYR A 129 -0.29 7.89 -16.25
N VAL A 130 0.25 6.87 -16.92
CA VAL A 130 -0.30 6.38 -18.17
C VAL A 130 -1.83 6.16 -18.06
N GLU A 131 -2.23 5.52 -16.96
CA GLU A 131 -3.63 5.31 -16.62
C GLU A 131 -4.38 6.64 -16.66
N ARG A 132 -3.89 7.61 -15.87
CA ARG A 132 -4.53 8.92 -15.75
C ARG A 132 -4.63 9.65 -17.08
N MET A 133 -3.64 9.48 -17.95
CA MET A 133 -3.68 10.10 -19.29
C MET A 133 -4.51 9.30 -20.30
N ASN A 134 -5.21 8.27 -19.84
CA ASN A 134 -6.04 7.45 -20.74
C ASN A 134 -5.23 6.77 -21.86
N TYR A 135 -3.94 6.57 -21.63
CA TYR A 135 -3.13 5.75 -22.55
C TYR A 135 -3.11 4.26 -22.14
N VAL A 136 -2.64 3.43 -23.07
CA VAL A 136 -2.46 1.99 -22.90
C VAL A 136 -1.03 1.64 -23.34
N HIS A 137 -0.31 0.87 -22.54
CA HIS A 137 1.06 0.49 -22.92
C HIS A 137 1.08 -0.68 -23.91
N ARG A 138 0.48 -1.80 -23.53
CA ARG A 138 0.34 -2.97 -24.44
C ARG A 138 1.48 -3.98 -24.38
N ASP A 139 2.68 -3.55 -23.99
CA ASP A 139 3.77 -4.49 -23.85
C ASP A 139 4.62 -4.23 -22.55
N LEU A 140 3.91 -4.09 -21.43
CA LEU A 140 4.54 -3.99 -20.13
C LEU A 140 5.14 -5.33 -19.69
N ARG A 141 6.43 -5.29 -19.37
CA ARG A 141 7.19 -6.45 -18.88
C ARG A 141 8.63 -6.01 -18.63
N ALA A 142 9.40 -6.79 -17.91
CA ALA A 142 10.73 -6.30 -17.46
C ALA A 142 11.68 -5.80 -18.54
N ALA A 143 11.55 -6.31 -19.76
CA ALA A 143 12.46 -6.00 -20.87
C ALA A 143 12.19 -4.60 -21.41
N ASN A 144 11.06 -4.03 -21.00
CA ASN A 144 10.63 -2.71 -21.44
C ASN A 144 10.64 -1.68 -20.31
N ILE A 145 11.19 -2.06 -19.15
CA ILE A 145 11.54 -1.13 -18.09
C ILE A 145 13.03 -0.90 -18.15
N LEU A 146 13.43 0.34 -17.93
CA LEU A 146 14.82 0.72 -17.96
C LEU A 146 15.18 1.15 -16.55
N VAL A 147 16.43 0.91 -16.18
CA VAL A 147 16.92 1.10 -14.82
C VAL A 147 18.10 2.05 -14.85
N GLY A 148 18.17 2.92 -13.84
CA GLY A 148 19.25 3.90 -13.77
C GLY A 148 20.04 3.70 -12.51
N GLU A 149 20.74 4.73 -12.06
CA GLU A 149 21.46 4.71 -10.78
C GLU A 149 20.47 4.68 -9.60
N ASN A 150 20.93 4.22 -8.45
CA ASN A 150 20.11 4.14 -7.22
C ASN A 150 18.75 3.51 -7.48
N LEU A 151 18.73 2.48 -8.34
CA LEU A 151 17.54 1.72 -8.65
C LEU A 151 16.33 2.52 -9.18
N VAL A 152 16.55 3.67 -9.82
CA VAL A 152 15.45 4.34 -10.52
C VAL A 152 15.06 3.44 -11.69
N CYS A 153 13.77 3.08 -11.75
CA CYS A 153 13.19 2.34 -12.86
C CYS A 153 12.18 3.16 -13.63
N LYS A 154 12.24 3.09 -14.95
CA LYS A 154 11.30 3.89 -15.74
C LYS A 154 10.67 3.08 -16.84
N VAL A 155 9.37 3.32 -17.08
CA VAL A 155 8.66 2.82 -18.28
C VAL A 155 9.23 3.45 -19.56
N ALA A 156 9.45 2.59 -20.57
CA ALA A 156 10.03 2.94 -21.85
C ALA A 156 9.14 2.34 -22.92
N PRO A 178 4.41 -12.41 -27.05
CA PRO A 178 4.46 -11.88 -25.69
C PRO A 178 3.24 -12.42 -24.91
N ILE A 179 2.67 -13.51 -25.43
CA ILE A 179 1.56 -14.22 -24.84
C ILE A 179 1.73 -14.41 -23.31
N LYS A 180 2.95 -14.75 -22.88
CA LYS A 180 3.19 -14.96 -21.45
C LYS A 180 2.95 -13.69 -20.61
N TRP A 181 2.91 -12.52 -21.22
CA TRP A 181 2.68 -11.30 -20.43
C TRP A 181 1.33 -10.64 -20.75
N THR A 182 0.57 -11.24 -21.65
CA THR A 182 -0.59 -10.60 -22.23
C THR A 182 -1.88 -11.13 -21.65
N ALA A 183 -2.79 -10.23 -21.29
CA ALA A 183 -4.04 -10.69 -20.72
C ALA A 183 -4.84 -11.50 -21.75
N PRO A 184 -5.51 -12.56 -21.29
CA PRO A 184 -6.34 -13.44 -22.13
C PRO A 184 -7.21 -12.66 -23.12
N GLU A 185 -7.87 -11.59 -22.67
CA GLU A 185 -8.82 -10.89 -23.49
C GLU A 185 -8.13 -10.02 -24.54
N ALA A 186 -6.87 -9.70 -24.28
CA ALA A 186 -6.03 -8.95 -25.21
C ALA A 186 -5.50 -9.90 -26.28
N ALA A 187 -4.98 -11.06 -25.85
CA ALA A 187 -4.45 -12.07 -26.77
C ALA A 187 -5.53 -12.70 -27.60
N LEU A 188 -6.72 -12.88 -27.02
CA LEU A 188 -7.82 -13.57 -27.74
C LEU A 188 -8.67 -12.63 -28.58
N TYR A 189 -8.89 -11.42 -28.08
CA TYR A 189 -9.97 -10.62 -28.62
C TYR A 189 -9.49 -9.24 -29.00
N GLY A 190 -8.20 -8.98 -28.84
CA GLY A 190 -7.65 -7.67 -29.16
C GLY A 190 -8.19 -6.60 -28.22
N ARG A 191 -8.65 -7.00 -27.05
CA ARG A 191 -9.10 -6.07 -26.04
C ARG A 191 -7.94 -5.60 -25.18
N PHE A 192 -7.17 -4.68 -25.72
CA PHE A 192 -6.13 -4.04 -24.94
C PHE A 192 -6.70 -2.85 -24.15
N THR A 193 -6.48 -2.81 -22.83
CA THR A 193 -6.89 -1.66 -22.04
C THR A 193 -5.86 -1.43 -20.93
N ILE A 194 -6.12 -0.45 -20.09
CA ILE A 194 -5.28 -0.22 -18.98
C ILE A 194 -5.30 -1.47 -18.06
N LYS A 195 -6.43 -2.20 -18.08
CA LYS A 195 -6.59 -3.42 -17.32
C LYS A 195 -5.80 -4.59 -17.89
N SER A 196 -5.55 -4.63 -19.20
CA SER A 196 -4.67 -5.70 -19.69
C SER A 196 -3.21 -5.36 -19.33
N ASP A 197 -2.88 -4.07 -19.21
CA ASP A 197 -1.58 -3.66 -18.66
C ASP A 197 -1.46 -4.13 -17.20
N VAL A 198 -2.55 -4.01 -16.44
CA VAL A 198 -2.52 -4.43 -15.04
C VAL A 198 -2.19 -5.92 -14.95
N TRP A 199 -2.74 -6.71 -15.88
CA TRP A 199 -2.42 -8.12 -15.96
C TRP A 199 -0.90 -8.30 -16.17
N SER A 200 -0.36 -7.61 -17.15
CA SER A 200 1.06 -7.73 -17.46
C SER A 200 1.89 -7.32 -16.27
N PHE A 201 1.40 -6.34 -15.50
CA PHE A 201 2.15 -5.87 -14.37
C PHE A 201 2.29 -6.98 -13.32
N GLY A 202 1.24 -7.79 -13.15
CA GLY A 202 1.24 -8.97 -12.28
C GLY A 202 2.33 -9.95 -12.76
N ILE A 203 2.49 -10.11 -14.08
CA ILE A 203 3.53 -10.98 -14.59
C ILE A 203 4.90 -10.41 -14.24
N LEU A 204 5.01 -9.11 -14.39
CA LEU A 204 6.25 -8.41 -14.14
C LEU A 204 6.63 -8.57 -12.63
N LEU A 205 5.64 -8.49 -11.74
CA LEU A 205 5.82 -8.89 -10.33
C LEU A 205 6.54 -10.25 -10.17
N THR A 206 6.16 -11.24 -10.98
CA THR A 206 6.85 -12.53 -10.93
C THR A 206 8.27 -12.47 -11.51
N GLU A 207 8.49 -11.60 -12.48
CA GLU A 207 9.84 -11.44 -12.98
C GLU A 207 10.70 -10.86 -11.86
N LEU A 208 10.17 -9.84 -11.18
CA LEU A 208 10.90 -9.21 -10.11
C LEU A 208 11.22 -10.25 -9.01
N THR A 209 10.22 -11.05 -8.65
CA THR A 209 10.39 -11.90 -7.51
C THR A 209 11.19 -13.16 -7.84
N THR A 210 11.36 -13.49 -9.13
CA THR A 210 12.22 -14.62 -9.47
C THR A 210 13.55 -14.05 -9.96
N LYS A 211 13.70 -12.72 -9.89
CA LYS A 211 14.90 -12.11 -10.44
C LYS A 211 15.10 -12.43 -11.92
N GLY A 212 14.02 -12.32 -12.68
CA GLY A 212 14.13 -12.36 -14.13
C GLY A 212 13.84 -13.68 -14.83
N ARG A 213 13.33 -14.69 -14.16
CA ARG A 213 13.02 -15.93 -14.85
C ARG A 213 11.87 -15.71 -15.81
N VAL A 214 11.88 -16.42 -16.93
CA VAL A 214 10.75 -16.38 -17.84
C VAL A 214 9.51 -16.90 -17.09
N PRO A 215 8.37 -16.21 -17.21
CA PRO A 215 7.09 -16.67 -16.59
C PRO A 215 6.66 -18.03 -17.12
N TYR A 216 5.84 -18.78 -16.36
CA TYR A 216 5.42 -20.14 -16.78
C TYR A 216 6.56 -21.07 -17.23
N PRO A 217 7.58 -21.31 -16.36
CA PRO A 217 8.74 -22.18 -16.72
C PRO A 217 8.28 -23.49 -17.37
N GLY A 218 8.94 -23.94 -18.43
CA GLY A 218 8.56 -25.18 -19.05
C GLY A 218 7.37 -25.16 -19.99
N MET A 219 6.48 -24.18 -19.88
CA MET A 219 5.34 -24.17 -20.78
C MET A 219 5.59 -23.39 -22.05
N VAL A 220 5.17 -23.95 -23.19
CA VAL A 220 5.18 -23.21 -24.41
C VAL A 220 3.93 -22.33 -24.48
N ASN A 221 3.94 -21.38 -25.40
CA ASN A 221 2.86 -20.39 -25.54
C ASN A 221 1.43 -20.91 -25.60
N ARG A 222 1.20 -21.88 -26.47
CA ARG A 222 -0.09 -22.52 -26.63
C ARG A 222 -0.54 -23.12 -25.30
N GLU A 223 0.39 -23.70 -24.56
CA GLU A 223 0.03 -24.36 -23.33
C GLU A 223 -0.30 -23.29 -22.25
N VAL A 224 0.40 -22.17 -22.30
CA VAL A 224 0.13 -21.08 -21.37
C VAL A 224 -1.28 -20.54 -21.59
N LEU A 225 -1.61 -20.30 -22.86
CA LEU A 225 -2.89 -19.75 -23.22
C LEU A 225 -4.06 -20.74 -22.93
N ASP A 226 -3.87 -22.00 -23.32
CA ASP A 226 -4.80 -23.07 -22.95
C ASP A 226 -5.04 -23.19 -21.42
N GLN A 227 -3.96 -23.03 -20.65
CA GLN A 227 -4.00 -23.27 -19.21
C GLN A 227 -4.57 -22.08 -18.47
N VAL A 228 -4.19 -20.89 -18.93
CA VAL A 228 -4.68 -19.70 -18.32
C VAL A 228 -6.21 -19.56 -18.55
N GLU A 229 -6.69 -20.02 -19.70
CA GLU A 229 -8.14 -20.00 -19.98
C GLU A 229 -8.93 -20.91 -19.05
N ARG A 230 -8.27 -21.94 -18.54
CA ARG A 230 -8.89 -22.87 -17.60
C ARG A 230 -8.80 -22.42 -16.17
N GLY A 231 -8.21 -21.26 -15.90
CA GLY A 231 -8.08 -20.77 -14.52
C GLY A 231 -6.71 -20.94 -13.86
N TYR A 232 -5.79 -21.61 -14.55
CA TYR A 232 -4.42 -21.66 -14.08
C TYR A 232 -3.78 -20.26 -13.92
N ARG A 233 -2.98 -20.15 -12.86
CA ARG A 233 -2.25 -18.95 -12.52
C ARG A 233 -0.95 -19.48 -11.96
N MET A 234 0.15 -18.78 -12.19
CA MET A 234 1.41 -19.13 -11.52
C MET A 234 1.24 -19.15 -10.00
N PRO A 235 1.89 -20.09 -9.33
CA PRO A 235 1.85 -20.19 -7.88
C PRO A 235 2.85 -19.24 -7.22
N CYS A 236 2.74 -19.07 -5.91
CA CYS A 236 3.68 -18.20 -5.20
C CYS A 236 5.18 -18.52 -5.52
N PRO A 237 5.95 -17.56 -6.04
CA PRO A 237 7.42 -17.84 -6.17
C PRO A 237 8.07 -18.20 -4.81
N PRO A 238 9.14 -19.01 -4.82
CA PRO A 238 9.84 -19.36 -3.57
C PRO A 238 10.20 -18.14 -2.67
N GLU A 239 9.92 -18.20 -1.38
CA GLU A 239 10.29 -17.12 -0.44
C GLU A 239 9.50 -15.85 -0.71
N CYS A 240 8.61 -15.84 -1.66
CA CYS A 240 7.86 -14.61 -1.85
C CYS A 240 6.65 -14.60 -0.88
N PRO A 241 6.40 -13.49 -0.14
CA PRO A 241 5.21 -13.57 0.76
C PRO A 241 3.90 -13.79 -0.02
N GLU A 242 2.98 -14.55 0.57
CA GLU A 242 1.63 -14.84 0.04
C GLU A 242 0.81 -13.55 -0.24
N SER A 243 1.00 -12.53 0.57
CA SER A 243 0.28 -11.26 0.36
C SER A 243 0.75 -10.62 -0.95
N LEU A 244 2.04 -10.76 -1.27
CA LEU A 244 2.50 -10.30 -2.56
C LEU A 244 2.00 -11.16 -3.73
N HIS A 245 1.93 -12.47 -3.58
CA HIS A 245 1.34 -13.31 -4.62
C HIS A 245 -0.16 -13.09 -4.77
N ASP A 246 -0.80 -12.75 -3.66
CA ASP A 246 -2.21 -12.43 -3.69
C ASP A 246 -2.43 -11.17 -4.59
N LEU A 247 -1.51 -10.22 -4.48
CA LEU A 247 -1.63 -9.05 -5.33
C LEU A 247 -1.53 -9.40 -6.84
N MET A 248 -0.65 -10.35 -7.16
CA MET A 248 -0.47 -10.87 -8.50
C MET A 248 -1.82 -11.42 -8.97
N CYS A 249 -2.42 -12.23 -8.09
CA CYS A 249 -3.66 -12.91 -8.39
C CYS A 249 -4.77 -11.93 -8.60
N GLN A 250 -4.65 -10.74 -8.01
CA GLN A 250 -5.65 -9.69 -8.21
C GLN A 250 -5.53 -9.11 -9.61
N CYS A 251 -4.28 -8.97 -10.05
CA CYS A 251 -3.96 -8.47 -11.38
C CYS A 251 -4.39 -9.46 -12.44
N TRP A 252 -4.49 -10.74 -12.07
CA TRP A 252 -4.78 -11.78 -13.02
C TRP A 252 -6.24 -12.21 -12.97
N ARG A 253 -7.11 -11.37 -12.40
CA ARG A 253 -8.56 -11.74 -12.39
C ARG A 253 -9.10 -11.87 -13.78
N LYS A 254 -9.98 -12.87 -13.97
CA LYS A 254 -10.63 -13.12 -15.27
C LYS A 254 -11.36 -11.86 -15.73
N ASP A 255 -12.12 -11.19 -14.87
CA ASP A 255 -12.84 -9.98 -15.35
C ASP A 255 -11.90 -8.77 -15.21
N PRO A 256 -11.52 -8.19 -16.36
CA PRO A 256 -10.62 -7.02 -16.49
C PRO A 256 -11.03 -5.88 -15.54
N GLU A 257 -12.33 -5.63 -15.39
CA GLU A 257 -12.88 -4.59 -14.52
C GLU A 257 -12.62 -4.86 -13.03
N GLU A 258 -12.40 -6.12 -12.65
CA GLU A 258 -12.12 -6.42 -11.24
C GLU A 258 -10.61 -6.29 -10.87
N ARG A 259 -9.76 -6.05 -11.85
CA ARG A 259 -8.36 -5.87 -11.55
C ARG A 259 -8.17 -4.49 -10.93
N PRO A 260 -7.18 -4.33 -10.04
CA PRO A 260 -7.01 -3.01 -9.44
C PRO A 260 -6.42 -1.99 -10.39
N THR A 261 -6.58 -0.72 -10.06
CA THR A 261 -5.93 0.37 -10.76
C THR A 261 -4.45 0.37 -10.42
N PHE A 262 -3.67 1.06 -11.25
CA PHE A 262 -2.27 1.27 -10.93
C PHE A 262 -2.14 2.21 -9.71
N GLU A 263 -3.06 3.19 -9.57
CA GLU A 263 -3.07 4.02 -8.36
C GLU A 263 -3.15 3.11 -7.15
N TYR A 264 -4.05 2.12 -7.18
CA TYR A 264 -4.14 1.19 -6.08
C TYR A 264 -2.81 0.41 -5.91
N LEU A 265 -2.27 -0.15 -6.99
CA LEU A 265 -1.04 -0.95 -6.92
C LEU A 265 0.13 -0.14 -6.38
N GLN A 266 0.28 1.09 -6.87
CA GLN A 266 1.33 1.92 -6.37
C GLN A 266 1.24 2.12 -4.83
N ALA A 267 0.04 2.50 -4.36
CA ALA A 267 -0.21 2.81 -2.94
C ALA A 267 0.11 1.58 -2.09
N PHE A 268 -0.37 0.42 -2.57
CA PHE A 268 -0.19 -0.82 -1.86
C PHE A 268 1.30 -1.12 -1.73
N LEU A 269 2.05 -0.90 -2.81
CA LEU A 269 3.46 -1.30 -2.83
C LEU A 269 4.37 -0.32 -2.06
N GLU A 270 4.05 0.98 -2.11
CA GLU A 270 4.70 1.99 -1.28
C GLU A 270 4.54 1.66 0.20
N ASP A 271 3.37 1.15 0.57
CA ASP A 271 3.05 0.97 1.99
C ASP A 271 3.41 -0.47 2.43
N TYR A 272 3.91 -1.28 1.51
CA TYR A 272 4.04 -2.71 1.75
C TYR A 272 4.59 -3.12 3.14
N PHE A 273 5.76 -2.57 3.48
CA PHE A 273 6.45 -3.01 4.69
C PHE A 273 5.89 -2.44 5.99
N THR A 274 4.87 -1.58 5.94
CA THR A 274 4.24 -1.11 7.20
C THR A 274 2.85 -1.69 7.29
N SER A 275 2.19 -1.78 6.16
CA SER A 275 0.79 -2.11 6.18
C SER A 275 0.57 -3.62 6.05
N THR A 276 1.39 -4.28 5.25
CA THR A 276 1.11 -5.65 4.84
C THR A 276 2.13 -6.64 5.44
N GLU A 277 3.44 -6.34 5.39
CA GLU A 277 4.45 -7.25 5.95
C GLU A 277 5.34 -6.51 6.91
N PRO A 278 4.77 -6.08 8.04
CA PRO A 278 5.55 -5.33 9.00
C PRO A 278 6.62 -6.18 9.68
N GLN A 279 6.53 -7.50 9.54
CA GLN A 279 7.45 -8.40 10.26
C GLN A 279 8.43 -9.09 9.31
N TYR A 280 8.34 -8.74 8.02
CA TYR A 280 9.24 -9.22 7.02
C TYR A 280 10.70 -9.29 7.50
N GLN A 281 11.34 -10.42 7.19
CA GLN A 281 12.77 -10.62 7.40
C GLN A 281 13.38 -11.14 6.10
N PRO A 282 14.56 -10.61 5.74
CA PRO A 282 15.28 -11.06 4.52
C PRO A 282 15.68 -12.52 4.64
N GLY A 283 15.39 -13.31 3.61
CA GLY A 283 15.81 -14.71 3.55
C GLY A 283 17.04 -14.89 2.68
N GLU A 284 17.23 -16.09 2.16
CA GLU A 284 18.44 -16.37 1.41
C GLU A 284 18.44 -15.69 0.04
N ASN A 285 17.28 -15.57 -0.61
CA ASN A 285 17.13 -14.94 -1.95
C ASN A 285 16.21 -13.73 -2.01
N LEU A 286 15.13 -13.74 -1.22
CA LEU A 286 14.19 -12.61 -1.13
C LEU A 286 14.15 -12.03 0.30
N LYS B 10 -6.66 -19.23 39.04
CA LYS B 10 -7.57 -19.00 37.89
C LYS B 10 -8.86 -18.30 38.34
N ASP B 11 -9.44 -17.49 37.47
CA ASP B 11 -10.66 -16.77 37.81
C ASP B 11 -11.86 -17.15 36.94
N ALA B 12 -13.01 -16.53 37.22
CA ALA B 12 -14.24 -16.84 36.53
C ALA B 12 -14.23 -16.55 35.01
N TRP B 13 -13.17 -15.89 34.51
CA TRP B 13 -12.96 -15.75 33.06
C TRP B 13 -12.42 -17.04 32.41
N GLU B 14 -11.84 -17.93 33.24
CA GLU B 14 -11.26 -19.18 32.75
C GLU B 14 -12.34 -20.10 32.18
N ILE B 15 -12.07 -20.64 30.99
CA ILE B 15 -12.87 -21.70 30.38
C ILE B 15 -11.93 -22.89 30.02
N PRO B 16 -12.48 -24.08 29.72
CA PRO B 16 -11.57 -25.17 29.33
C PRO B 16 -11.22 -25.13 27.84
N ARG B 17 -10.00 -25.55 27.47
CA ARG B 17 -9.58 -25.58 26.05
C ARG B 17 -10.62 -26.33 25.24
N GLU B 18 -11.06 -27.46 25.81
CA GLU B 18 -12.05 -28.36 25.21
C GLU B 18 -13.29 -27.62 24.70
N SER B 19 -13.66 -26.53 25.34
CA SER B 19 -14.89 -25.82 24.96
C SER B 19 -14.74 -24.94 23.70
N LEU B 20 -13.51 -24.87 23.17
CA LEU B 20 -13.25 -24.12 21.95
C LEU B 20 -13.07 -25.04 20.73
N ARG B 21 -13.63 -24.63 19.61
CA ARG B 21 -13.28 -25.25 18.33
C ARG B 21 -12.61 -24.20 17.45
N LEU B 22 -11.28 -24.31 17.32
CA LEU B 22 -10.53 -23.45 16.40
C LEU B 22 -10.75 -23.97 14.98
N GLU B 23 -11.13 -23.09 14.07
CA GLU B 23 -11.55 -23.52 12.73
C GLU B 23 -10.78 -22.89 11.57
N VAL B 24 -10.77 -21.56 11.49
CA VAL B 24 -10.11 -20.84 10.41
C VAL B 24 -8.99 -20.00 10.99
N LYS B 25 -7.78 -20.18 10.44
CA LYS B 25 -6.63 -19.33 10.76
C LYS B 25 -6.94 -17.99 10.12
N LEU B 26 -6.79 -16.91 10.90
CA LEU B 26 -7.10 -15.54 10.45
C LEU B 26 -5.86 -14.65 10.37
N GLY B 27 -4.90 -14.88 11.26
CA GLY B 27 -3.61 -14.16 11.30
C GLY B 27 -2.50 -15.01 11.89
N GLN B 28 -1.25 -14.61 11.66
CA GLN B 28 -0.08 -15.37 12.13
C GLN B 28 1.17 -14.51 12.23
N PHE B 31 4.88 -13.96 18.17
CA PHE B 31 3.65 -13.69 18.92
C PHE B 31 2.72 -14.90 18.93
N GLY B 32 2.09 -15.23 17.80
CA GLY B 32 1.16 -16.35 17.73
C GLY B 32 0.21 -16.22 16.56
N GLU B 33 -0.98 -16.78 16.70
CA GLU B 33 -2.00 -16.76 15.65
C GLU B 33 -3.34 -16.16 16.11
N VAL B 34 -4.23 -15.83 15.17
CA VAL B 34 -5.59 -15.45 15.54
C VAL B 34 -6.58 -16.31 14.76
N TRP B 35 -7.41 -17.06 15.48
CA TRP B 35 -8.34 -18.01 14.86
C TRP B 35 -9.79 -17.59 14.98
N MET B 36 -10.56 -17.87 13.93
CA MET B 36 -12.01 -17.93 14.08
C MET B 36 -12.37 -19.32 14.60
N GLY B 37 -13.36 -19.36 15.49
CA GLY B 37 -13.76 -20.59 16.14
C GLY B 37 -15.14 -20.55 16.77
N THR B 38 -15.49 -21.67 17.41
CA THR B 38 -16.82 -21.83 18.00
C THR B 38 -16.74 -22.15 19.50
N TRP B 39 -17.51 -21.41 20.29
CA TRP B 39 -17.55 -21.55 21.75
C TRP B 39 -18.82 -22.26 22.19
N ASN B 40 -18.65 -23.33 22.96
CA ASN B 40 -19.76 -24.15 23.47
C ASN B 40 -20.70 -24.63 22.36
N GLY B 41 -20.15 -24.86 21.18
CA GLY B 41 -20.92 -25.28 20.00
C GLY B 41 -21.91 -24.26 19.45
N THR B 42 -22.10 -23.15 20.17
CA THR B 42 -23.23 -22.26 19.92
C THR B 42 -22.85 -20.84 19.48
N THR B 43 -21.63 -20.43 19.82
CA THR B 43 -21.22 -19.03 19.78
C THR B 43 -19.98 -18.88 18.91
N ARG B 44 -20.02 -17.91 18.00
CA ARG B 44 -18.86 -17.63 17.18
C ARG B 44 -17.93 -16.67 17.92
N VAL B 45 -16.65 -17.00 17.91
CA VAL B 45 -15.67 -16.23 18.64
C VAL B 45 -14.39 -16.11 17.83
N ALA B 46 -13.52 -15.22 18.29
CA ALA B 46 -12.15 -15.14 17.85
C ALA B 46 -11.28 -15.61 19.00
N ILE B 47 -10.24 -16.35 18.66
CA ILE B 47 -9.27 -16.83 19.65
C ILE B 47 -7.87 -16.39 19.23
N LYS B 48 -7.28 -15.50 20.02
CA LYS B 48 -5.89 -15.16 19.85
C LYS B 48 -5.07 -16.18 20.64
N THR B 49 -4.11 -16.80 19.95
CA THR B 49 -3.20 -17.80 20.53
C THR B 49 -1.82 -17.14 20.69
N LEU B 50 -1.13 -17.44 21.79
CA LEU B 50 0.12 -16.77 22.12
C LEU B 50 1.18 -17.73 22.69
N ALA B 64 -3.73 -8.18 30.25
CA ALA B 64 -4.68 -9.30 30.43
C ALA B 64 -5.84 -8.86 31.32
N GLN B 65 -5.46 -8.36 32.50
CA GLN B 65 -6.38 -7.79 33.46
C GLN B 65 -6.99 -6.52 32.90
N VAL B 66 -6.34 -5.95 31.89
CA VAL B 66 -6.80 -4.72 31.27
C VAL B 66 -8.12 -5.01 30.58
N MET B 67 -8.11 -6.05 29.77
CA MET B 67 -9.26 -6.38 28.97
C MET B 67 -10.45 -6.88 29.82
N LYS B 68 -10.20 -7.44 31.02
CA LYS B 68 -11.30 -7.88 31.93
C LYS B 68 -12.01 -6.75 32.68
N LYS B 69 -11.35 -5.60 32.80
CA LYS B 69 -11.92 -4.47 33.53
C LYS B 69 -12.71 -3.53 32.64
N LEU B 70 -12.34 -3.43 31.37
CA LEU B 70 -12.98 -2.48 30.45
C LEU B 70 -14.07 -3.17 29.62
N ARG B 71 -15.32 -2.80 29.89
CA ARG B 71 -16.45 -3.28 29.11
C ARG B 71 -17.19 -2.09 28.48
N HIS B 72 -17.18 -2.03 27.15
CA HIS B 72 -17.85 -0.94 26.43
C HIS B 72 -18.25 -1.39 25.03
N GLU B 73 -19.27 -0.75 24.49
CA GLU B 73 -19.84 -1.05 23.19
C GLU B 73 -18.80 -0.95 22.04
N LYS B 74 -17.78 -0.09 22.20
CA LYS B 74 -16.81 0.21 21.13
C LYS B 74 -15.40 -0.28 21.44
N LEU B 75 -15.33 -1.22 22.41
CA LEU B 75 -14.11 -1.93 22.74
C LEU B 75 -14.40 -3.35 22.42
N VAL B 76 -13.47 -4.06 21.79
CA VAL B 76 -13.68 -5.50 21.50
C VAL B 76 -13.87 -6.29 22.81
N GLN B 77 -14.92 -7.07 22.89
CA GLN B 77 -15.30 -7.72 24.16
C GLN B 77 -14.54 -9.04 24.46
N LEU B 78 -13.88 -9.10 25.62
CA LEU B 78 -13.38 -10.37 26.15
C LEU B 78 -14.54 -11.30 26.51
N TYR B 79 -14.43 -12.55 26.06
CA TYR B 79 -15.38 -13.58 26.46
C TYR B 79 -14.80 -14.51 27.52
N ALA B 80 -13.52 -14.89 27.38
CA ALA B 80 -12.91 -15.91 28.23
C ALA B 80 -11.40 -16.01 27.98
N VAL B 81 -10.73 -16.73 28.89
CA VAL B 81 -9.30 -17.01 28.74
C VAL B 81 -8.93 -18.46 29.07
N VAL B 82 -7.88 -18.94 28.40
CA VAL B 82 -7.27 -20.24 28.70
C VAL B 82 -5.81 -19.97 29.04
N SER B 83 -5.49 -20.01 30.33
CA SER B 83 -4.29 -19.39 30.88
C SER B 83 -3.05 -20.28 30.84
N ILE B 87 -1.87 -21.15 25.32
CA ILE B 87 -2.59 -20.10 26.02
C ILE B 87 -3.48 -19.31 25.06
N TYR B 88 -4.77 -19.16 25.40
CA TYR B 88 -5.78 -18.47 24.54
C TYR B 88 -6.57 -17.29 25.17
N ILE B 89 -6.71 -16.20 24.42
CA ILE B 89 -7.65 -15.18 24.82
C ILE B 89 -8.77 -15.24 23.82
N VAL B 90 -10.00 -15.30 24.33
CA VAL B 90 -11.17 -15.48 23.47
C VAL B 90 -12.07 -14.25 23.52
N THR B 91 -12.43 -13.74 22.36
CA THR B 91 -13.17 -12.50 22.29
C THR B 91 -14.29 -12.63 21.29
N GLU B 92 -15.16 -11.62 21.25
CA GLU B 92 -16.11 -11.52 20.14
C GLU B 92 -15.41 -11.47 18.79
N TYR B 93 -16.16 -11.85 17.76
CA TYR B 93 -15.64 -12.02 16.41
C TYR B 93 -16.02 -10.79 15.59
N MET B 94 -15.03 -10.13 15.00
CA MET B 94 -15.26 -8.91 14.28
C MET B 94 -15.10 -9.26 12.82
N SER B 95 -16.24 -9.35 12.15
CA SER B 95 -16.32 -9.98 10.83
C SER B 95 -15.54 -9.31 9.70
N LYS B 96 -15.06 -8.09 9.87
CA LYS B 96 -14.33 -7.44 8.77
C LYS B 96 -12.84 -7.21 8.97
N GLY B 97 -12.22 -7.82 10.00
CA GLY B 97 -10.78 -7.65 10.20
C GLY B 97 -10.39 -6.29 10.73
N SER B 98 -9.10 -5.93 10.63
CA SER B 98 -8.63 -4.61 11.00
C SER B 98 -9.30 -3.55 10.15
N LEU B 99 -9.44 -2.37 10.74
CA LEU B 99 -9.78 -1.18 10.02
C LEU B 99 -8.79 -0.89 8.88
N LEU B 100 -7.49 -0.97 9.15
CA LEU B 100 -6.49 -0.86 8.09
C LEU B 100 -6.77 -1.77 6.91
N ASP B 101 -7.03 -3.07 7.13
CA ASP B 101 -7.38 -3.95 6.00
C ASP B 101 -8.73 -3.59 5.37
N PHE B 102 -9.67 -3.04 6.16
CA PHE B 102 -10.95 -2.66 5.60
C PHE B 102 -10.78 -1.46 4.67
N LEU B 103 -10.03 -0.47 5.11
CA LEU B 103 -9.79 0.72 4.29
C LEU B 103 -8.99 0.49 3.01
N LYS B 104 -8.02 -0.43 3.04
CA LYS B 104 -7.19 -0.78 1.86
C LYS B 104 -7.88 -1.86 1.00
N GLY B 105 -9.05 -2.33 1.39
CA GLY B 105 -9.76 -3.32 0.58
C GLY B 105 -10.75 -2.75 -0.42
N GLU B 106 -11.63 -3.62 -0.93
CA GLU B 106 -12.74 -3.33 -1.85
C GLU B 106 -13.57 -2.11 -1.36
N MET B 107 -13.74 -1.98 -0.05
CA MET B 107 -14.66 -1.00 0.47
C MET B 107 -14.09 0.40 0.46
N GLY B 108 -12.76 0.50 0.51
CA GLY B 108 -12.05 1.76 0.48
C GLY B 108 -12.63 2.79 -0.47
N LYS B 109 -12.92 2.38 -1.69
CA LYS B 109 -13.26 3.36 -2.68
C LYS B 109 -14.70 3.87 -2.57
N TYR B 110 -15.56 3.18 -1.84
CA TYR B 110 -16.92 3.64 -1.63
C TYR B 110 -17.10 4.43 -0.36
N LEU B 111 -16.17 4.32 0.58
CA LEU B 111 -16.28 5.11 1.80
C LEU B 111 -16.17 6.60 1.47
N ARG B 112 -17.04 7.41 2.03
CA ARG B 112 -16.83 8.84 1.94
C ARG B 112 -16.66 9.43 3.36
N LEU B 113 -16.52 10.74 3.43
CA LEU B 113 -16.36 11.38 4.73
C LEU B 113 -17.44 11.03 5.77
N PRO B 114 -18.76 10.98 5.39
CA PRO B 114 -19.71 10.67 6.46
C PRO B 114 -19.45 9.31 7.06
N GLN B 115 -19.11 8.31 6.25
CA GLN B 115 -18.76 7.01 6.84
C GLN B 115 -17.42 7.08 7.60
N LEU B 116 -16.42 7.77 7.07
CA LEU B 116 -15.16 7.85 7.80
C LEU B 116 -15.30 8.62 9.12
N VAL B 117 -16.05 9.72 9.13
CA VAL B 117 -16.24 10.49 10.36
C VAL B 117 -16.99 9.68 11.45
N ASP B 118 -18.01 8.95 11.03
CA ASP B 118 -18.74 8.07 11.88
C ASP B 118 -17.87 7.04 12.60
N MET B 119 -17.03 6.37 11.81
CA MET B 119 -16.06 5.41 12.37
C MET B 119 -15.15 6.09 13.38
N ALA B 120 -14.68 7.29 13.05
CA ALA B 120 -13.74 8.00 13.91
C ALA B 120 -14.47 8.24 15.23
N ALA B 121 -15.79 8.55 15.12
CA ALA B 121 -16.66 8.93 16.25
C ALA B 121 -16.85 7.73 17.19
N GLN B 122 -17.09 6.56 16.60
CA GLN B 122 -17.17 5.34 17.37
C GLN B 122 -15.90 5.07 18.12
N ILE B 123 -14.74 5.24 17.46
CA ILE B 123 -13.46 5.03 18.11
C ILE B 123 -13.22 6.06 19.23
N ALA B 124 -13.49 7.32 18.98
CA ALA B 124 -13.39 8.34 20.02
C ALA B 124 -14.30 7.96 21.22
N SER B 125 -15.45 7.36 20.93
CA SER B 125 -16.38 6.91 21.97
C SER B 125 -15.77 5.78 22.88
N GLY B 126 -15.30 4.72 22.26
CA GLY B 126 -14.52 3.73 22.99
C GLY B 126 -13.42 4.39 23.85
N MET B 127 -12.64 5.27 23.21
CA MET B 127 -11.50 5.95 23.88
C MET B 127 -11.94 6.92 25.01
N ALA B 128 -13.08 7.58 24.83
CA ALA B 128 -13.63 8.41 25.88
C ALA B 128 -13.91 7.53 27.07
N TYR B 129 -14.34 6.30 26.82
CA TYR B 129 -14.58 5.37 27.92
C TYR B 129 -13.28 5.00 28.68
N VAL B 130 -12.25 4.63 27.93
CA VAL B 130 -10.88 4.44 28.43
C VAL B 130 -10.36 5.65 29.25
N GLU B 131 -10.56 6.83 28.69
CA GLU B 131 -10.29 8.09 29.35
C GLU B 131 -10.99 8.15 30.72
N ARG B 132 -12.32 7.94 30.74
CA ARG B 132 -13.10 7.96 31.96
C ARG B 132 -12.61 6.95 32.99
N MET B 133 -12.13 5.80 32.53
CA MET B 133 -11.63 4.74 33.41
C MET B 133 -10.20 4.97 33.87
N ASN B 134 -9.51 5.98 33.31
CA ASN B 134 -8.08 6.23 33.65
C ASN B 134 -7.10 5.21 33.18
N TYR B 135 -7.43 4.56 32.06
CA TYR B 135 -6.45 3.73 31.39
C TYR B 135 -5.82 4.48 30.24
N VAL B 136 -4.76 3.89 29.70
CA VAL B 136 -4.06 4.40 28.53
C VAL B 136 -3.97 3.21 27.55
N HIS B 137 -4.19 3.43 26.26
CA HIS B 137 -4.13 2.34 25.29
C HIS B 137 -2.68 2.09 24.89
N ARG B 138 -1.97 3.13 24.41
CA ARG B 138 -0.54 3.05 24.04
C ARG B 138 -0.25 2.62 22.61
N ASP B 139 -1.21 1.97 21.93
CA ASP B 139 -1.02 1.55 20.53
C ASP B 139 -2.24 1.74 19.61
N LEU B 140 -2.83 2.94 19.68
CA LEU B 140 -3.93 3.35 18.84
C LEU B 140 -3.45 3.67 17.42
N ARG B 141 -4.08 2.97 16.47
CA ARG B 141 -3.69 2.85 15.05
C ARG B 141 -4.84 2.06 14.39
N ALA B 142 -5.09 2.35 13.12
CA ALA B 142 -6.10 1.62 12.32
C ALA B 142 -5.97 0.09 12.34
N ALA B 143 -4.75 -0.41 12.49
CA ALA B 143 -4.49 -1.86 12.59
C ALA B 143 -5.01 -2.49 13.89
N ASN B 144 -5.27 -1.66 14.90
CA ASN B 144 -5.78 -2.09 16.20
C ASN B 144 -7.24 -1.70 16.41
N ILE B 145 -7.90 -1.26 15.33
CA ILE B 145 -9.33 -1.16 15.30
C ILE B 145 -9.83 -2.34 14.48
N LEU B 146 -10.99 -2.88 14.89
CA LEU B 146 -11.64 -4.01 14.23
C LEU B 146 -13.02 -3.59 13.79
N VAL B 147 -13.46 -4.16 12.68
CA VAL B 147 -14.67 -3.68 12.01
C VAL B 147 -15.63 -4.81 11.88
N GLY B 148 -16.92 -4.51 12.08
CA GLY B 148 -17.99 -5.51 11.99
C GLY B 148 -18.99 -5.18 10.90
N GLU B 149 -20.20 -5.71 11.01
CA GLU B 149 -21.31 -5.29 10.13
C GLU B 149 -21.75 -3.83 10.33
N ASN B 150 -22.25 -3.21 9.26
CA ASN B 150 -22.76 -1.83 9.25
C ASN B 150 -21.79 -0.82 9.84
N LEU B 151 -20.52 -1.02 9.50
CA LEU B 151 -19.46 -0.11 9.87
C LEU B 151 -19.30 0.07 11.39
N VAL B 152 -19.46 -1.02 12.14
CA VAL B 152 -19.15 -1.02 13.55
C VAL B 152 -17.65 -1.17 13.67
N CYS B 153 -17.07 -0.25 14.43
CA CYS B 153 -15.64 -0.18 14.74
C CYS B 153 -15.38 -0.32 16.23
N LYS B 154 -14.38 -1.10 16.60
CA LYS B 154 -14.12 -1.30 18.02
C LYS B 154 -12.64 -1.32 18.27
N VAL B 155 -12.22 -0.66 19.36
CA VAL B 155 -10.81 -0.69 19.71
C VAL B 155 -10.40 -2.01 20.35
N ALA B 156 -9.26 -2.50 19.88
CA ALA B 156 -8.74 -3.80 20.24
C ALA B 156 -7.29 -3.64 20.65
N ASP B 157 -6.73 -4.71 21.20
CA ASP B 157 -5.28 -4.86 21.41
C ASP B 157 -4.67 -3.88 22.41
N PHE B 158 -4.95 -4.06 23.68
CA PHE B 158 -4.63 -3.00 24.65
C PHE B 158 -3.19 -2.94 25.16
N ILE B 179 6.38 4.47 16.04
CA ILE B 179 6.95 5.80 16.11
C ILE B 179 6.02 6.79 15.43
N LYS B 180 5.54 6.43 14.24
CA LYS B 180 4.70 7.34 13.46
C LYS B 180 3.35 7.62 14.11
N TRP B 181 2.91 6.78 15.02
CA TRP B 181 1.62 6.97 15.71
C TRP B 181 1.85 7.44 17.17
N THR B 182 3.11 7.68 17.56
CA THR B 182 3.38 7.87 18.95
C THR B 182 3.68 9.31 19.25
N ALA B 183 3.05 9.86 20.30
CA ALA B 183 3.37 11.24 20.66
C ALA B 183 4.86 11.38 21.01
N PRO B 184 5.46 12.53 20.69
CA PRO B 184 6.88 12.82 21.05
C PRO B 184 7.22 12.54 22.51
N GLU B 185 6.40 13.01 23.44
CA GLU B 185 6.76 12.85 24.84
C GLU B 185 6.83 11.37 25.18
N ALA B 186 6.01 10.58 24.50
CA ALA B 186 5.94 9.14 24.70
C ALA B 186 7.10 8.41 24.04
N ALA B 187 7.46 8.81 22.84
CA ALA B 187 8.48 8.11 22.09
C ALA B 187 9.87 8.45 22.63
N LEU B 188 10.00 9.64 23.21
CA LEU B 188 11.28 10.11 23.72
C LEU B 188 11.43 9.93 25.20
N TYR B 189 10.36 10.13 25.95
CA TYR B 189 10.49 10.19 27.42
C TYR B 189 9.63 9.22 28.15
N GLY B 190 8.96 8.34 27.41
CA GLY B 190 8.10 7.35 28.02
C GLY B 190 6.83 7.93 28.62
N ARG B 191 6.55 9.22 28.46
CA ARG B 191 5.28 9.76 28.96
C ARG B 191 4.03 9.33 28.15
N PHE B 192 3.61 8.09 28.38
CA PHE B 192 2.34 7.63 27.86
C PHE B 192 1.16 8.10 28.73
N THR B 193 0.21 8.82 28.15
CA THR B 193 -0.98 9.19 28.90
C THR B 193 -2.11 9.22 27.88
N ILE B 194 -3.32 9.45 28.38
CA ILE B 194 -4.47 9.55 27.54
C ILE B 194 -4.18 10.63 26.46
N LYS B 195 -3.33 11.61 26.81
CA LYS B 195 -2.92 12.68 25.88
C LYS B 195 -2.00 12.21 24.74
N SER B 196 -1.24 11.16 24.99
CA SER B 196 -0.52 10.57 23.91
C SER B 196 -1.47 9.68 23.05
N ASP B 197 -2.53 9.12 23.62
CA ASP B 197 -3.46 8.38 22.76
C ASP B 197 -4.24 9.36 21.85
N VAL B 198 -4.54 10.56 22.37
CA VAL B 198 -5.14 11.62 21.56
C VAL B 198 -4.25 11.94 20.37
N TRP B 199 -2.93 11.96 20.62
CA TRP B 199 -2.02 12.22 19.53
C TRP B 199 -2.20 11.13 18.47
N SER B 200 -2.13 9.86 18.86
CA SER B 200 -2.23 8.76 17.88
C SER B 200 -3.56 8.81 17.15
N PHE B 201 -4.61 9.22 17.88
CA PHE B 201 -5.92 9.40 17.29
C PHE B 201 -5.94 10.38 16.13
N GLY B 202 -5.34 11.56 16.32
CA GLY B 202 -5.09 12.46 15.19
C GLY B 202 -4.41 11.71 14.00
N ILE B 203 -3.38 10.90 14.29
CA ILE B 203 -2.73 10.10 13.23
C ILE B 203 -3.72 9.13 12.63
N LEU B 204 -4.59 8.58 13.48
CA LEU B 204 -5.54 7.61 12.97
C LEU B 204 -6.57 8.32 12.08
N LEU B 205 -6.94 9.53 12.44
CA LEU B 205 -7.67 10.45 11.50
C LEU B 205 -7.07 10.58 10.09
N THR B 206 -5.77 10.76 9.97
CA THR B 206 -5.16 10.81 8.62
C THR B 206 -5.25 9.43 7.93
N GLU B 207 -5.14 8.35 8.69
CA GLU B 207 -5.37 7.05 8.06
C GLU B 207 -6.81 6.88 7.53
N LEU B 208 -7.80 7.37 8.28
CA LEU B 208 -9.16 7.28 7.78
C LEU B 208 -9.29 8.16 6.52
N THR B 209 -8.74 9.37 6.60
CA THR B 209 -9.01 10.30 5.54
C THR B 209 -8.14 10.01 4.33
N THR B 210 -7.14 9.13 4.45
CA THR B 210 -6.40 8.79 3.23
C THR B 210 -6.83 7.40 2.83
N LYS B 211 -7.84 6.89 3.52
CA LYS B 211 -8.27 5.51 3.27
C LYS B 211 -7.11 4.52 3.46
N GLY B 212 -6.40 4.65 4.59
CA GLY B 212 -5.40 3.66 5.03
C GLY B 212 -3.92 3.80 4.62
N ARG B 213 -3.53 4.95 4.09
CA ARG B 213 -2.13 5.20 3.76
C ARG B 213 -1.28 5.33 4.99
N VAL B 214 -0.04 4.90 4.93
CA VAL B 214 0.89 5.09 6.02
C VAL B 214 1.15 6.58 6.20
N PRO B 215 1.06 7.08 7.45
CA PRO B 215 1.36 8.50 7.72
C PRO B 215 2.83 8.87 7.45
N TYR B 216 3.10 10.16 7.23
CA TYR B 216 4.40 10.71 6.80
C TYR B 216 4.95 9.99 5.59
N PRO B 217 4.20 9.98 4.46
CA PRO B 217 4.63 9.25 3.24
C PRO B 217 6.09 9.59 2.90
N GLY B 218 6.90 8.60 2.59
CA GLY B 218 8.27 8.79 2.18
C GLY B 218 9.27 9.06 3.32
N MET B 219 8.78 9.36 4.53
CA MET B 219 9.72 9.49 5.64
C MET B 219 9.99 8.21 6.44
N VAL B 220 11.26 7.88 6.65
CA VAL B 220 11.66 6.84 7.60
C VAL B 220 11.51 7.38 9.02
N ASN B 221 11.53 6.47 9.99
CA ASN B 221 11.31 6.78 11.40
C ASN B 221 12.18 7.89 12.01
N ARG B 222 13.47 7.86 11.73
CA ARG B 222 14.35 8.87 12.26
C ARG B 222 13.91 10.26 11.81
N GLU B 223 13.58 10.36 10.53
CA GLU B 223 13.24 11.62 9.91
C GLU B 223 11.86 12.08 10.48
N VAL B 224 10.97 11.14 10.75
CA VAL B 224 9.71 11.51 11.38
C VAL B 224 9.92 12.13 12.77
N LEU B 225 10.84 11.55 13.54
CA LEU B 225 11.02 12.04 14.89
C LEU B 225 11.78 13.35 14.93
N ASP B 226 12.82 13.45 14.12
CA ASP B 226 13.55 14.72 13.98
C ASP B 226 12.61 15.88 13.55
N GLN B 227 11.74 15.60 12.57
CA GLN B 227 10.87 16.62 11.96
C GLN B 227 9.70 17.02 12.85
N VAL B 228 9.11 16.03 13.51
CA VAL B 228 8.05 16.32 14.44
C VAL B 228 8.60 17.21 15.61
N GLU B 229 9.85 16.97 16.03
CA GLU B 229 10.48 17.79 17.07
C GLU B 229 10.65 19.24 16.63
N ARG B 230 10.93 19.44 15.33
CA ARG B 230 11.11 20.76 14.76
C ARG B 230 9.78 21.45 14.50
N GLY B 231 8.68 20.80 14.87
CA GLY B 231 7.36 21.35 14.66
C GLY B 231 6.60 20.93 13.40
N TYR B 232 7.16 20.04 12.59
CA TYR B 232 6.43 19.51 11.41
C TYR B 232 5.11 18.76 11.76
N ARG B 233 4.08 19.00 10.97
CA ARG B 233 2.87 18.23 11.12
C ARG B 233 2.43 17.88 9.73
N MET B 234 1.82 16.72 9.53
CA MET B 234 1.22 16.44 8.23
C MET B 234 0.25 17.54 7.82
N PRO B 235 0.21 17.85 6.54
CA PRO B 235 -0.74 18.80 6.03
C PRO B 235 -2.12 18.17 5.72
N CYS B 236 -3.02 18.97 5.22
CA CYS B 236 -4.38 18.54 4.99
C CYS B 236 -4.41 17.42 3.91
N PRO B 237 -4.92 16.23 4.24
CA PRO B 237 -5.10 15.23 3.15
C PRO B 237 -6.03 15.76 2.05
N PRO B 238 -5.76 15.38 0.78
CA PRO B 238 -6.56 15.79 -0.40
C PRO B 238 -8.06 15.67 -0.17
N GLU B 239 -8.84 16.69 -0.49
CA GLU B 239 -10.29 16.67 -0.29
C GLU B 239 -10.75 16.66 1.16
N CYS B 240 -9.85 16.67 2.13
CA CYS B 240 -10.32 16.64 3.52
C CYS B 240 -10.70 18.07 3.94
N PRO B 241 -11.87 18.27 4.56
CA PRO B 241 -12.12 19.66 5.01
C PRO B 241 -11.04 20.14 5.96
N GLU B 242 -10.71 21.41 5.88
CA GLU B 242 -9.77 22.11 6.77
C GLU B 242 -10.19 22.02 8.25
N SER B 243 -11.49 21.93 8.50
CA SER B 243 -11.98 21.87 9.87
C SER B 243 -11.59 20.52 10.49
N LEU B 244 -11.64 19.45 9.70
CA LEU B 244 -11.11 18.15 10.11
C LEU B 244 -9.61 18.09 10.32
N HIS B 245 -8.84 18.77 9.49
CA HIS B 245 -7.39 18.80 9.68
C HIS B 245 -7.05 19.70 10.87
N ASP B 246 -7.92 20.65 11.17
CA ASP B 246 -7.69 21.50 12.32
C ASP B 246 -7.81 20.62 13.57
N LEU B 247 -8.71 19.66 13.49
CA LEU B 247 -8.93 18.80 14.62
C LEU B 247 -7.70 17.89 14.81
N MET B 248 -7.15 17.37 13.71
CA MET B 248 -5.88 16.66 13.72
C MET B 248 -4.83 17.49 14.44
N CYS B 249 -4.70 18.75 14.03
CA CYS B 249 -3.71 19.65 14.54
C CYS B 249 -3.87 19.96 16.03
N GLN B 250 -5.10 19.98 16.51
CA GLN B 250 -5.31 20.09 17.93
C GLN B 250 -4.76 18.83 18.65
N CYS B 251 -5.00 17.67 18.07
CA CYS B 251 -4.49 16.42 18.58
C CYS B 251 -2.95 16.39 18.59
N TRP B 252 -2.31 17.21 17.75
CA TRP B 252 -0.85 17.17 17.67
C TRP B 252 -0.14 18.35 18.35
N ARG B 253 -0.84 19.02 19.25
CA ARG B 253 -0.19 20.08 20.01
C ARG B 253 1.00 19.52 20.75
N LYS B 254 2.05 20.32 20.83
CA LYS B 254 3.26 19.97 21.56
C LYS B 254 2.96 19.72 23.04
N ASP B 255 2.23 20.63 23.66
CA ASP B 255 1.88 20.42 25.06
C ASP B 255 0.63 19.56 25.16
N PRO B 256 0.78 18.37 25.75
CA PRO B 256 -0.25 17.37 25.86
C PRO B 256 -1.47 17.91 26.59
N GLU B 257 -1.29 18.69 27.63
CA GLU B 257 -2.44 19.15 28.39
C GLU B 257 -3.33 20.03 27.51
N GLU B 258 -2.79 20.52 26.40
CA GLU B 258 -3.62 21.32 25.50
C GLU B 258 -4.32 20.51 24.38
N ARG B 259 -4.08 19.20 24.29
CA ARG B 259 -4.84 18.42 23.32
C ARG B 259 -6.30 18.20 23.78
N PRO B 260 -7.24 18.10 22.83
CA PRO B 260 -8.63 17.88 23.29
C PRO B 260 -8.79 16.51 23.97
N THR B 261 -9.84 16.37 24.79
CA THR B 261 -10.20 15.10 25.38
C THR B 261 -10.90 14.25 24.31
N PHE B 262 -10.99 12.94 24.55
CA PHE B 262 -11.85 12.11 23.69
C PHE B 262 -13.35 12.48 23.79
N GLU B 263 -13.84 12.89 24.99
CA GLU B 263 -15.24 13.32 25.17
C GLU B 263 -15.46 14.45 24.18
N TYR B 264 -14.52 15.40 24.16
CA TYR B 264 -14.61 16.44 23.16
C TYR B 264 -14.57 15.86 21.69
N LEU B 265 -13.63 14.96 21.41
CA LEU B 265 -13.46 14.42 20.07
C LEU B 265 -14.71 13.69 19.65
N GLN B 266 -15.27 12.92 20.57
CA GLN B 266 -16.47 12.19 20.27
C GLN B 266 -17.62 13.15 19.87
N ALA B 267 -17.90 14.17 20.69
CA ALA B 267 -19.07 15.07 20.46
C ALA B 267 -18.91 15.87 19.16
N PHE B 268 -17.69 16.37 18.96
CA PHE B 268 -17.35 17.10 17.77
C PHE B 268 -17.54 16.23 16.49
N LEU B 269 -17.18 14.95 16.57
CA LEU B 269 -17.28 14.03 15.42
C LEU B 269 -18.73 13.59 15.11
N GLU B 270 -19.51 13.32 16.15
CA GLU B 270 -20.94 13.04 16.03
C GLU B 270 -21.68 14.20 15.43
N ASP B 271 -21.34 15.41 15.87
CA ASP B 271 -22.08 16.60 15.46
C ASP B 271 -21.58 17.18 14.12
N TYR B 272 -20.48 16.61 13.62
CA TYR B 272 -19.73 17.19 12.52
C TYR B 272 -20.51 17.79 11.32
N PHE B 273 -21.40 16.99 10.72
CA PHE B 273 -22.12 17.45 9.52
C PHE B 273 -23.29 18.40 9.82
N THR B 274 -23.48 18.76 11.10
CA THR B 274 -24.42 19.81 11.45
C THR B 274 -23.78 21.08 11.98
N SER B 275 -22.78 20.91 12.82
CA SER B 275 -22.26 22.03 13.57
C SER B 275 -21.11 22.68 12.87
N THR B 276 -20.40 21.91 12.06
CA THR B 276 -19.09 22.24 11.56
C THR B 276 -19.06 22.28 10.04
N GLU B 277 -19.51 21.21 9.37
CA GLU B 277 -19.55 21.25 7.91
C GLU B 277 -20.96 20.95 7.44
N PRO B 278 -21.91 21.90 7.68
CA PRO B 278 -23.27 21.65 7.20
C PRO B 278 -23.45 21.75 5.67
N GLN B 279 -22.47 22.30 4.94
CA GLN B 279 -22.57 22.41 3.49
C GLN B 279 -21.68 21.38 2.77
N TYR B 280 -21.15 20.44 3.53
CA TYR B 280 -20.41 19.32 2.98
C TYR B 280 -21.09 18.70 1.75
N GLN B 281 -20.30 18.42 0.71
CA GLN B 281 -20.79 17.65 -0.43
C GLN B 281 -19.73 16.62 -0.75
N PRO B 282 -20.16 15.43 -1.21
CA PRO B 282 -19.18 14.39 -1.59
C PRO B 282 -18.35 14.78 -2.82
N GLY B 283 -17.08 14.37 -2.86
CA GLY B 283 -16.23 14.57 -4.03
C GLY B 283 -15.83 13.20 -4.55
N GLU B 284 -14.75 13.13 -5.33
CA GLU B 284 -14.37 11.83 -5.94
C GLU B 284 -13.90 10.80 -4.93
N ASN B 285 -13.30 11.25 -3.83
CA ASN B 285 -12.71 10.38 -2.83
C ASN B 285 -13.27 10.54 -1.42
N LEU B 286 -13.54 11.77 -0.99
CA LEU B 286 -14.12 12.01 0.35
C LEU B 286 -15.47 12.72 0.28
CAA KS5 C . -7.56 -8.86 12.14
CAV KS5 C . -7.79 -10.34 12.47
CAB KS5 C . -8.44 -11.04 11.27
NAW KS5 C . -8.60 -10.39 13.72
NAN KS5 C . -8.00 -10.16 14.77
C4 KS5 C . -9.91 -10.61 13.97
N3 KS5 C . -10.97 -10.91 13.23
C2 KS5 C . -12.16 -11.08 13.78
N1 KS5 C . -12.37 -10.96 15.09
C6 KS5 C . -11.35 -10.68 15.90
NAC KS5 C . -11.58 -10.57 17.21
C5 KS5 C . -10.08 -10.50 15.34
CAQ KS5 C . -8.80 -10.22 15.81
CAP KS5 C . -8.34 -9.96 17.10
CAJ KS5 C . -8.50 -10.82 18.19
CAR KS5 C . -7.96 -10.40 19.41
CAH KS5 C . -8.09 -11.18 20.56
CAD KS5 C . -7.52 -10.71 21.75
CAE KS5 C . -6.86 -9.48 21.82
NAL KS5 C . -6.74 -8.74 20.72
CAS KS5 C . -7.27 -9.16 19.54
CAI KS5 C . -7.11 -8.34 18.43
CAG KS5 C . -7.65 -8.75 17.22
#